data_2ZXN
#
_entry.id   2ZXN
#
_cell.length_a   153.158
_cell.length_b   43.879
_cell.length_c   41.886
_cell.angle_alpha   90.00
_cell.angle_beta   95.89
_cell.angle_gamma   90.00
#
_symmetry.space_group_name_H-M   'C 1 2 1'
#
loop_
_entity.id
_entity.type
_entity.pdbx_description
1 polymer 'Vitamin D3 receptor'
2 polymer 'Mediator of RNA polymerase II transcription subunit 1'
3 non-polymer (1R,3S,5Z)-5-[(2E)-2-[(1R,3aS,7aR)-1-[(2S,3S)-3-(2-hydroxyethyl)heptan-2-yl]-7a-methyl-2,3,3a,5,6,7-hexahydro-1H-inden-4-ylidene]ethylidene]-4-methylidene-cyclohexane-1,3-diol
4 water water
#
loop_
_entity_poly.entity_id
_entity_poly.type
_entity_poly.pdbx_seq_one_letter_code
_entity_poly.pdbx_strand_id
1 'polypeptide(L)'
;GSHMGSPNSPLKDSLRPKLSEEQQHIIAILLDAHHKTYDPTYADFRDFRPPVRMDGSTGSVTLDLSPLSMLPHLADLVSY
SIQKVIGFAKMIPGFRDLTSDDQIVLLKSSAIEVIMLRSNQSFTMDDMSWDCGSQDYKYDVTDVSKAGHTLELIEPLIKF
QVGLKKLNLHEEEHVLLMAICIVSPDRPGVQDAKLVEAIQDRLSNTLQTYIRCRHPPPGSHQLYAKMIQKLADLRSLNEE
HSKQYRSLSFQPENSMKLTPLVLEVFGNEIS
;
A
2 'polypeptide(L)' KNHPMLMNLLKDN C
#
loop_
_chem_comp.id
_chem_comp.type
_chem_comp.name
_chem_comp.formula
JC1 non-polymer (1R,3S,5Z)-5-[(2E)-2-[(1R,3aS,7aR)-1-[(2S,3S)-3-(2-hydroxyethyl)heptan-2-yl]-7a-methyl-2,3,3a,5,6,7-hexahydro-1H-inden-4-ylidene]ethylidene]-4-methylidene-cyclohexane-1,3-diol 'C28 H46 O3'
#
# COMPACT_ATOMS: atom_id res chain seq x y z
N LYS A 18 -13.91 -23.30 10.46
CA LYS A 18 -14.49 -23.37 9.09
C LYS A 18 -13.44 -23.00 8.05
N LEU A 19 -12.20 -22.81 8.50
CA LEU A 19 -11.08 -22.54 7.60
C LEU A 19 -10.61 -23.82 6.90
N SER A 20 -10.71 -23.86 5.57
CA SER A 20 -10.21 -24.99 4.79
C SER A 20 -8.68 -25.04 4.87
N GLU A 21 -8.10 -26.15 4.45
CA GLU A 21 -6.64 -26.25 4.43
C GLU A 21 -6.05 -25.37 3.32
N GLU A 22 -6.82 -25.18 2.25
CA GLU A 22 -6.43 -24.25 1.20
C GLU A 22 -6.44 -22.82 1.74
N GLN A 23 -7.41 -22.51 2.60
CA GLN A 23 -7.51 -21.19 3.17
C GLN A 23 -6.41 -20.94 4.20
N GLN A 24 -6.12 -21.94 5.01
CA GLN A 24 -5.05 -21.81 5.99
C GLN A 24 -3.70 -21.68 5.29
N HIS A 25 -3.58 -22.31 4.13
CA HIS A 25 -2.36 -22.23 3.32
C HIS A 25 -2.16 -20.81 2.77
N ILE A 26 -3.27 -20.17 2.40
CA ILE A 26 -3.22 -18.80 1.89
C ILE A 26 -2.77 -17.81 2.95
N ILE A 27 -3.38 -17.88 4.13
CA ILE A 27 -2.96 -17.07 5.27
C ILE A 27 -1.47 -17.24 5.53
N ALA A 28 -1.03 -18.50 5.53
CA ALA A 28 0.37 -18.83 5.77
C ALA A 28 1.28 -18.18 4.77
N ILE A 29 0.89 -18.26 3.50
CA ILE A 29 1.68 -17.66 2.43
C ILE A 29 1.73 -16.13 2.55
N LEU A 30 0.60 -15.50 2.84
CA LEU A 30 0.56 -14.04 2.84
C LEU A 30 1.29 -13.46 4.04
N LEU A 31 1.22 -14.16 5.18
CA LEU A 31 2.00 -13.77 6.35
C LEU A 31 3.51 -13.82 6.05
N ASP A 32 3.98 -14.89 5.42
CA ASP A 32 5.40 -15.02 5.12
C ASP A 32 5.82 -13.97 4.09
N ALA A 33 4.98 -13.80 3.07
CA ALA A 33 5.25 -12.83 2.02
C ALA A 33 5.37 -11.43 2.62
N HIS A 34 4.50 -11.14 3.57
CA HIS A 34 4.57 -9.84 4.22
C HIS A 34 5.85 -9.75 5.07
N HIS A 35 6.16 -10.82 5.80
CA HIS A 35 7.29 -10.80 6.70
C HIS A 35 8.59 -10.63 5.94
N LYS A 36 8.57 -10.98 4.66
CA LYS A 36 9.76 -10.95 3.83
C LYS A 36 9.94 -9.61 3.13
N THR A 37 8.88 -8.81 3.10
CA THR A 37 8.92 -7.55 2.35
C THR A 37 8.66 -6.32 3.23
N TYR A 38 8.45 -6.55 4.51
CA TYR A 38 8.29 -5.45 5.46
C TYR A 38 9.20 -5.68 6.67
N ASP A 39 10.28 -4.89 6.74
CA ASP A 39 11.26 -4.98 7.83
C ASP A 39 10.85 -4.05 8.97
N PRO A 40 10.34 -4.61 10.07
CA PRO A 40 9.92 -3.82 11.23
C PRO A 40 11.03 -3.07 11.98
N THR A 41 12.28 -3.26 11.58
CA THR A 41 13.38 -2.52 12.19
C THR A 41 13.80 -1.34 11.32
N TYR A 42 13.30 -1.31 10.08
CA TYR A 42 13.46 -0.15 9.22
C TYR A 42 14.93 0.17 8.94
N ALA A 43 15.78 -0.86 9.03
CA ALA A 43 17.21 -0.67 8.88
C ALA A 43 17.58 0.03 7.57
N ASP A 44 16.82 -0.24 6.52
CA ASP A 44 17.16 0.23 5.18
C ASP A 44 16.94 1.72 4.95
N PHE A 45 16.33 2.38 5.93
CA PHE A 45 15.96 3.80 5.78
C PHE A 45 17.20 4.67 5.69
N ARG A 46 18.36 4.11 6.04
CA ARG A 46 19.60 4.86 5.99
C ARG A 46 20.10 4.99 4.56
N ASP A 47 19.65 4.09 3.70
CA ASP A 47 20.00 4.18 2.29
C ASP A 47 19.30 5.35 1.59
N PHE A 48 18.29 5.92 2.25
CA PHE A 48 17.55 7.03 1.65
C PHE A 48 18.31 8.34 1.73
N ARG A 49 18.13 9.20 0.73
CA ARG A 49 18.49 10.61 0.88
C ARG A 49 17.89 11.06 2.22
N PRO A 50 18.68 11.79 3.03
CA PRO A 50 18.28 12.28 4.35
C PRO A 50 17.04 13.15 4.43
N PRO A 51 16.30 13.02 5.55
CA PRO A 51 15.08 13.79 5.78
C PRO A 51 15.52 15.22 6.16
N VAL A 52 14.78 16.22 5.69
CA VAL A 52 15.07 17.59 6.08
C VAL A 52 13.88 18.24 6.73
N ARG A 53 14.01 18.46 8.04
CA ARG A 53 13.00 19.19 8.79
C ARG A 53 13.58 20.56 9.15
N MET A 54 13.07 21.60 8.51
CA MET A 54 13.65 22.93 8.64
C MET A 54 13.02 23.74 9.78
N SER A 66 12.20 25.42 2.13
CA SER A 66 11.83 24.11 2.77
C SER A 66 10.45 23.57 2.36
N PRO A 67 9.85 24.08 1.26
CA PRO A 67 8.53 23.54 0.91
C PRO A 67 8.58 22.11 0.36
N LEU A 68 9.71 21.75 -0.24
CA LEU A 68 9.91 20.41 -0.78
C LEU A 68 11.05 19.73 -0.05
N SER A 69 11.33 20.21 1.16
CA SER A 69 12.51 19.76 1.89
C SER A 69 12.46 18.28 2.26
N MET A 70 11.26 17.74 2.41
CA MET A 70 11.10 16.32 2.75
C MET A 70 10.95 15.44 1.51
N LEU A 71 10.92 16.06 0.33
CA LEU A 71 10.59 15.31 -0.88
C LEU A 71 11.62 14.23 -1.19
N PRO A 72 12.92 14.58 -1.22
CA PRO A 72 13.91 13.55 -1.52
C PRO A 72 13.75 12.32 -0.64
N HIS A 73 13.64 12.51 0.67
CA HIS A 73 13.60 11.38 1.59
C HIS A 73 12.35 10.54 1.39
N LEU A 74 11.20 11.20 1.29
CA LEU A 74 9.95 10.47 1.16
C LEU A 74 9.78 9.86 -0.22
N ALA A 75 10.36 10.48 -1.24
CA ALA A 75 10.32 9.89 -2.58
C ALA A 75 11.05 8.56 -2.56
N ASP A 76 12.17 8.52 -1.85
CA ASP A 76 12.97 7.31 -1.74
C ASP A 76 12.22 6.26 -0.94
N LEU A 77 11.54 6.70 0.11
CA LEU A 77 10.73 5.81 0.94
C LEU A 77 9.66 5.16 0.07
N VAL A 78 8.95 5.99 -0.68
CA VAL A 78 7.87 5.52 -1.54
C VAL A 78 8.38 4.54 -2.60
N SER A 79 9.53 4.87 -3.17
CA SER A 79 10.12 4.08 -4.25
C SER A 79 10.60 2.72 -3.72
N TYR A 80 11.24 2.75 -2.57
CA TYR A 80 11.61 1.52 -1.87
C TYR A 80 10.36 0.70 -1.59
N SER A 81 9.30 1.38 -1.16
CA SER A 81 8.10 0.69 -0.74
C SER A 81 7.35 0.11 -1.94
N ILE A 82 7.47 0.75 -3.09
CA ILE A 82 6.88 0.20 -4.31
C ILE A 82 7.48 -1.16 -4.60
N GLN A 83 8.80 -1.27 -4.52
CA GLN A 83 9.48 -2.53 -4.74
C GLN A 83 9.00 -3.61 -3.77
N LYS A 84 8.92 -3.26 -2.49
CA LYS A 84 8.48 -4.22 -1.48
C LYS A 84 7.04 -4.67 -1.72
N VAL A 85 6.21 -3.77 -2.24
CA VAL A 85 4.83 -4.09 -2.55
C VAL A 85 4.77 -5.11 -3.69
N ILE A 86 5.62 -4.90 -4.69
CA ILE A 86 5.74 -5.81 -5.82
C ILE A 86 6.20 -7.19 -5.34
N GLY A 87 7.12 -7.21 -4.38
CA GLY A 87 7.63 -8.46 -3.88
C GLY A 87 6.53 -9.23 -3.17
N PHE A 88 5.77 -8.53 -2.33
CA PHE A 88 4.61 -9.13 -1.68
C PHE A 88 3.62 -9.63 -2.72
N ALA A 89 3.36 -8.82 -3.74
CA ALA A 89 2.30 -9.14 -4.69
C ALA A 89 2.62 -10.44 -5.46
N LYS A 90 3.88 -10.63 -5.84
CA LYS A 90 4.28 -11.82 -6.61
C LYS A 90 4.02 -13.10 -5.83
N MET A 91 3.92 -12.98 -4.51
CA MET A 91 3.71 -14.13 -3.66
C MET A 91 2.25 -14.40 -3.36
N ILE A 92 1.36 -13.53 -3.86
CA ILE A 92 -0.06 -13.74 -3.68
C ILE A 92 -0.53 -14.95 -4.48
N PRO A 93 -1.20 -15.91 -3.82
CA PRO A 93 -1.67 -17.10 -4.52
C PRO A 93 -2.54 -16.74 -5.71
N GLY A 94 -2.09 -17.10 -6.91
CA GLY A 94 -2.89 -16.86 -8.10
C GLY A 94 -2.37 -15.71 -8.94
N PHE A 95 -1.66 -14.79 -8.28
CA PHE A 95 -1.15 -13.61 -8.97
C PHE A 95 -0.25 -14.03 -10.13
N ARG A 96 0.60 -15.02 -9.88
CA ARG A 96 1.53 -15.52 -10.89
C ARG A 96 0.79 -15.96 -12.15
N ASP A 97 -0.40 -16.50 -11.97
CA ASP A 97 -1.19 -17.02 -13.08
C ASP A 97 -1.79 -15.92 -13.94
N LEU A 98 -1.57 -14.67 -13.55
CA LEU A 98 -2.06 -13.54 -14.34
C LEU A 98 -1.06 -13.18 -15.44
N THR A 99 -1.54 -12.55 -16.50
CA THR A 99 -0.64 -12.09 -17.56
C THR A 99 0.30 -11.03 -17.02
N SER A 100 1.40 -10.82 -17.73
CA SER A 100 2.34 -9.77 -17.38
C SER A 100 1.61 -8.44 -17.41
N ASP A 101 0.77 -8.24 -18.43
CA ASP A 101 0.08 -6.98 -18.60
C ASP A 101 -0.87 -6.70 -17.44
N ASP A 102 -1.55 -7.74 -16.98
CA ASP A 102 -2.49 -7.57 -15.90
C ASP A 102 -1.78 -7.36 -14.58
N GLN A 103 -0.60 -7.95 -14.45
CA GLN A 103 0.21 -7.71 -13.26
C GLN A 103 0.65 -6.25 -13.19
N ILE A 104 0.95 -5.67 -14.34
CA ILE A 104 1.40 -4.30 -14.42
C ILE A 104 0.31 -3.31 -14.03
N VAL A 105 -0.87 -3.49 -14.62
CA VAL A 105 -1.98 -2.58 -14.36
C VAL A 105 -2.40 -2.65 -12.89
N LEU A 106 -2.45 -3.85 -12.34
CA LEU A 106 -2.86 -4.03 -10.95
C LEU A 106 -1.87 -3.40 -9.96
N LEU A 107 -0.59 -3.49 -10.26
CA LEU A 107 0.43 -2.92 -9.38
C LEU A 107 0.48 -1.42 -9.52
N LYS A 108 0.30 -0.91 -10.74
CA LYS A 108 0.36 0.51 -10.99
C LYS A 108 -0.79 1.22 -10.28
N SER A 109 -1.94 0.55 -10.23
CA SER A 109 -3.13 1.17 -9.69
C SER A 109 -3.23 0.97 -8.19
N SER A 110 -2.58 -0.07 -7.67
CA SER A 110 -2.69 -0.40 -6.25
C SER A 110 -1.52 0.11 -5.39
N ALA A 111 -0.42 0.49 -6.03
CA ALA A 111 0.82 0.77 -5.32
C ALA A 111 0.63 1.74 -4.17
N ILE A 112 0.12 2.93 -4.48
CA ILE A 112 0.00 3.97 -3.48
C ILE A 112 -1.00 3.54 -2.39
N GLU A 113 -2.01 2.77 -2.79
CA GLU A 113 -3.00 2.26 -1.84
C GLU A 113 -2.40 1.29 -0.85
N VAL A 114 -1.62 0.33 -1.35
CA VAL A 114 -1.00 -0.66 -0.49
C VAL A 114 0.07 -0.01 0.38
N ILE A 115 0.74 1.01 -0.14
CA ILE A 115 1.68 1.79 0.65
C ILE A 115 0.96 2.46 1.83
N MET A 116 -0.20 3.03 1.57
CA MET A 116 -1.01 3.61 2.64
C MET A 116 -1.45 2.54 3.64
N LEU A 117 -1.92 1.40 3.12
CA LEU A 117 -2.30 0.29 3.99
C LEU A 117 -1.11 -0.23 4.82
N ARG A 118 0.02 -0.51 4.17
CA ARG A 118 1.13 -1.13 4.89
C ARG A 118 1.71 -0.14 5.88
N SER A 119 1.50 1.14 5.63
CA SER A 119 2.03 2.19 6.50
C SER A 119 1.30 2.22 7.85
N ASN A 120 0.10 1.66 7.90
CA ASN A 120 -0.67 1.65 9.14
C ASN A 120 0.13 0.94 10.24
N GLN A 121 1.04 0.05 9.83
CA GLN A 121 1.85 -0.73 10.77
C GLN A 121 2.80 0.17 11.59
N SER A 122 3.29 1.25 10.98
CA SER A 122 4.15 2.17 11.70
C SER A 122 3.39 3.39 12.23
N PHE A 123 2.18 3.61 11.72
CA PHE A 123 1.38 4.73 12.18
C PHE A 123 0.95 4.51 13.63
N THR A 124 1.08 5.56 14.44
CA THR A 124 0.66 5.51 15.84
C THR A 124 -0.29 6.64 16.18
N MET A 125 -1.37 6.31 16.87
CA MET A 125 -2.38 7.30 17.23
C MET A 125 -1.90 8.16 18.39
N ASP A 126 -0.84 7.72 19.05
CA ASP A 126 -0.27 8.49 20.14
C ASP A 126 -0.09 9.94 19.75
N ASP A 127 0.64 10.17 18.67
CA ASP A 127 0.89 11.54 18.22
C ASP A 127 0.62 11.72 16.74
N MET A 128 -0.19 10.82 16.18
CA MET A 128 -0.64 10.94 14.79
C MET A 128 0.56 11.04 13.85
N SER A 129 1.44 10.05 13.92
CA SER A 129 2.61 10.04 13.05
C SER A 129 2.96 8.61 12.64
N TRP A 130 3.76 8.51 11.57
CA TRP A 130 4.33 7.23 11.18
C TRP A 130 5.70 7.07 11.84
N ASP A 131 5.77 6.23 12.86
CA ASP A 131 6.95 6.13 13.71
C ASP A 131 7.80 4.92 13.33
N CYS A 132 8.81 5.14 12.51
CA CYS A 132 9.64 4.04 12.02
C CYS A 132 10.92 3.86 12.83
N GLY A 133 10.79 3.86 14.16
CA GLY A 133 11.86 3.37 15.01
C GLY A 133 12.78 4.44 15.59
N SER A 134 12.81 5.62 14.97
CA SER A 134 13.72 6.67 15.41
C SER A 134 13.26 8.03 14.90
N GLN A 135 13.69 9.08 15.58
CA GLN A 135 13.17 10.42 15.35
C GLN A 135 13.48 10.89 13.93
N ASP A 136 14.61 10.45 13.39
CA ASP A 136 14.95 10.75 12.00
C ASP A 136 13.86 10.18 11.09
N TYR A 137 13.41 8.96 11.41
CA TYR A 137 12.42 8.26 10.61
C TYR A 137 11.08 8.19 11.32
N LYS A 138 10.65 9.33 11.84
CA LYS A 138 9.32 9.45 12.43
C LYS A 138 8.64 10.64 11.77
N TYR A 139 7.58 10.37 11.02
CA TYR A 139 7.00 11.39 10.16
C TYR A 139 5.64 11.86 10.65
N ASP A 140 5.52 13.16 10.90
CA ASP A 140 4.23 13.72 11.31
C ASP A 140 3.65 14.61 10.23
N VAL A 141 2.53 15.24 10.56
CA VAL A 141 1.79 16.03 9.58
C VAL A 141 2.67 17.11 9.00
N THR A 142 3.55 17.66 9.82
CA THR A 142 4.39 18.78 9.39
C THR A 142 5.43 18.29 8.39
N ASP A 143 6.04 17.14 8.68
CA ASP A 143 7.03 16.53 7.78
C ASP A 143 6.37 16.19 6.45
N VAL A 144 5.24 15.50 6.54
CA VAL A 144 4.60 14.91 5.39
C VAL A 144 4.04 16.00 4.48
N SER A 145 3.86 17.19 5.05
CA SER A 145 3.38 18.32 4.28
C SER A 145 4.53 19.12 3.66
N LYS A 146 5.76 18.62 3.77
CA LYS A 146 6.89 19.27 3.11
C LYS A 146 7.42 18.45 1.96
N ALA A 147 6.51 17.91 1.15
CA ALA A 147 6.87 17.07 0.01
C ALA A 147 5.96 17.35 -1.19
N GLY A 148 5.39 18.54 -1.23
CA GLY A 148 4.68 18.96 -2.42
C GLY A 148 3.22 18.55 -2.47
N HIS A 149 2.76 17.82 -1.46
CA HIS A 149 1.37 17.42 -1.39
C HIS A 149 0.61 18.24 -0.36
N THR A 150 -0.65 18.54 -0.64
CA THR A 150 -1.42 19.49 0.16
C THR A 150 -2.33 18.78 1.16
N LEU A 151 -2.94 19.55 2.06
CA LEU A 151 -3.75 18.98 3.13
C LEU A 151 -4.99 18.29 2.57
N GLU A 152 -5.33 18.61 1.33
CA GLU A 152 -6.42 17.94 0.65
C GLU A 152 -6.16 16.41 0.61
N LEU A 153 -4.89 16.01 0.52
CA LEU A 153 -4.53 14.59 0.61
C LEU A 153 -4.18 14.17 2.03
N ILE A 154 -3.34 14.94 2.69
CA ILE A 154 -2.80 14.52 3.98
C ILE A 154 -3.84 14.39 5.06
N GLU A 155 -4.84 15.26 5.04
CA GLU A 155 -5.82 15.29 6.13
C GLU A 155 -6.66 14.01 6.10
N PRO A 156 -7.25 13.67 4.95
CA PRO A 156 -8.04 12.43 4.94
C PRO A 156 -7.18 11.16 5.04
N LEU A 157 -5.91 11.26 4.63
CA LEU A 157 -4.98 10.14 4.79
C LEU A 157 -4.76 9.83 6.26
N ILE A 158 -4.55 10.87 7.06
CA ILE A 158 -4.35 10.65 8.48
C ILE A 158 -5.63 10.11 9.09
N LYS A 159 -6.76 10.69 8.70
CA LYS A 159 -8.04 10.18 9.16
C LYS A 159 -8.15 8.70 8.81
N PHE A 160 -7.69 8.33 7.61
CA PHE A 160 -7.77 6.95 7.17
C PHE A 160 -6.95 6.07 8.09
N GLN A 161 -5.73 6.51 8.40
CA GLN A 161 -4.81 5.75 9.26
C GLN A 161 -5.41 5.51 10.63
N VAL A 162 -6.05 6.52 11.18
CA VAL A 162 -6.71 6.41 12.47
C VAL A 162 -7.84 5.40 12.40
N GLY A 163 -8.69 5.54 11.38
CA GLY A 163 -9.83 4.64 11.27
C GLY A 163 -9.40 3.21 11.03
N LEU A 164 -8.27 3.01 10.36
CA LEU A 164 -7.76 1.67 10.10
C LEU A 164 -7.14 1.09 11.37
N LYS A 165 -6.41 1.93 12.10
CA LYS A 165 -5.75 1.46 13.30
C LYS A 165 -6.78 0.93 14.29
N LYS A 166 -7.88 1.65 14.43
CA LYS A 166 -8.90 1.29 15.41
C LYS A 166 -9.56 -0.02 15.09
N LEU A 167 -9.42 -0.49 13.86
CA LEU A 167 -9.98 -1.79 13.51
C LEU A 167 -9.17 -2.90 14.17
N ASN A 168 -8.00 -2.54 14.67
CA ASN A 168 -7.11 -3.50 15.32
C ASN A 168 -7.04 -4.84 14.59
N LEU A 169 -6.72 -4.80 13.29
CA LEU A 169 -6.76 -6.00 12.48
C LEU A 169 -5.74 -6.99 13.00
N HIS A 170 -6.07 -8.27 12.94
CA HIS A 170 -5.05 -9.30 13.07
C HIS A 170 -4.10 -9.18 11.89
N GLU A 171 -2.85 -9.58 12.07
CA GLU A 171 -1.91 -9.50 10.97
C GLU A 171 -2.46 -10.29 9.78
N GLU A 172 -3.11 -11.42 10.06
CA GLU A 172 -3.75 -12.25 9.03
C GLU A 172 -4.74 -11.44 8.21
N GLU A 173 -5.52 -10.61 8.87
CA GLU A 173 -6.49 -9.77 8.19
C GLU A 173 -5.77 -8.65 7.45
N HIS A 174 -4.66 -8.18 8.02
CA HIS A 174 -3.89 -7.10 7.44
C HIS A 174 -3.33 -7.51 6.07
N VAL A 175 -2.75 -8.71 5.99
CA VAL A 175 -2.09 -9.14 4.77
C VAL A 175 -3.12 -9.56 3.72
N LEU A 176 -4.25 -10.07 4.17
CA LEU A 176 -5.35 -10.40 3.27
C LEU A 176 -5.92 -9.16 2.58
N LEU A 177 -6.05 -8.06 3.33
CA LEU A 177 -6.57 -6.80 2.81
C LEU A 177 -5.65 -6.20 1.75
N MET A 178 -4.34 -6.25 2.02
CA MET A 178 -3.38 -5.75 1.05
C MET A 178 -3.45 -6.55 -0.24
N ALA A 179 -3.59 -7.86 -0.10
CA ALA A 179 -3.65 -8.75 -1.26
C ALA A 179 -4.95 -8.55 -2.03
N ILE A 180 -6.07 -8.44 -1.31
CA ILE A 180 -7.36 -8.16 -1.94
C ILE A 180 -7.32 -6.83 -2.71
N CYS A 181 -6.73 -5.81 -2.09
CA CYS A 181 -6.60 -4.50 -2.73
C CYS A 181 -5.80 -4.57 -4.03
N ILE A 182 -4.76 -5.39 -4.05
CA ILE A 182 -3.90 -5.53 -5.24
C ILE A 182 -4.64 -6.26 -6.36
N VAL A 183 -5.34 -7.34 -6.01
CA VAL A 183 -6.05 -8.13 -7.00
C VAL A 183 -7.49 -7.64 -7.15
N SER A 184 -7.66 -6.42 -7.68
CA SER A 184 -8.99 -5.84 -7.87
C SER A 184 -9.40 -5.90 -9.34
N PRO A 185 -10.52 -6.58 -9.63
CA PRO A 185 -11.11 -6.78 -10.97
C PRO A 185 -11.42 -5.51 -11.76
N ASP A 186 -11.64 -4.41 -11.06
CA ASP A 186 -12.18 -3.20 -11.69
C ASP A 186 -11.16 -2.12 -12.02
N ARG A 187 -9.87 -2.38 -11.80
CA ARG A 187 -8.85 -1.40 -12.11
C ARG A 187 -8.84 -1.10 -13.61
N PRO A 188 -8.58 0.15 -14.00
CA PRO A 188 -8.54 0.53 -15.42
C PRO A 188 -7.53 -0.31 -16.19
N GLY A 189 -7.96 -0.86 -17.32
CA GLY A 189 -7.03 -1.53 -18.23
C GLY A 189 -6.91 -3.02 -18.02
N VAL A 190 -7.52 -3.54 -16.97
CA VAL A 190 -7.45 -4.98 -16.69
C VAL A 190 -8.08 -5.73 -17.85
N GLN A 191 -7.38 -6.74 -18.37
CA GLN A 191 -7.89 -7.52 -19.48
C GLN A 191 -8.75 -8.68 -19.02
N ASP A 192 -8.15 -9.64 -18.32
CA ASP A 192 -8.91 -10.79 -17.82
C ASP A 192 -9.43 -10.53 -16.42
N ALA A 193 -10.42 -9.65 -16.32
CA ALA A 193 -11.03 -9.28 -15.06
C ALA A 193 -11.57 -10.49 -14.31
N LYS A 194 -12.24 -11.38 -15.03
CA LYS A 194 -12.91 -12.52 -14.42
C LYS A 194 -11.89 -13.36 -13.64
N LEU A 195 -10.71 -13.53 -14.21
CA LEU A 195 -9.68 -14.29 -13.52
C LEU A 195 -9.18 -13.50 -12.30
N VAL A 196 -8.93 -12.21 -12.49
CA VAL A 196 -8.57 -11.34 -11.40
C VAL A 196 -9.60 -11.47 -10.29
N GLU A 197 -10.87 -11.49 -10.67
CA GLU A 197 -11.97 -11.63 -9.72
C GLU A 197 -11.96 -12.99 -9.04
N ALA A 198 -11.64 -14.04 -9.79
CA ALA A 198 -11.57 -15.37 -9.24
C ALA A 198 -10.51 -15.43 -8.15
N ILE A 199 -9.35 -14.82 -8.42
CA ILE A 199 -8.28 -14.75 -7.44
C ILE A 199 -8.71 -13.97 -6.19
N GLN A 200 -9.35 -12.83 -6.40
CA GLN A 200 -9.71 -11.96 -5.29
C GLN A 200 -10.75 -12.62 -4.40
N ASP A 201 -11.73 -13.30 -5.01
CA ASP A 201 -12.82 -13.94 -4.27
C ASP A 201 -12.29 -14.99 -3.31
N ARG A 202 -11.24 -15.68 -3.73
CA ARG A 202 -10.65 -16.73 -2.91
C ARG A 202 -10.00 -16.10 -1.68
N LEU A 203 -9.38 -14.95 -1.90
CA LEU A 203 -8.79 -14.17 -0.83
C LEU A 203 -9.88 -13.59 0.05
N SER A 204 -10.96 -13.10 -0.57
CA SER A 204 -12.09 -12.54 0.18
C SER A 204 -12.79 -13.59 1.02
N ASN A 205 -12.99 -14.77 0.46
CA ASN A 205 -13.68 -15.82 1.18
C ASN A 205 -12.79 -16.32 2.30
N THR A 206 -11.48 -16.27 2.08
CA THR A 206 -10.55 -16.57 3.15
C THR A 206 -10.66 -15.53 4.27
N LEU A 207 -10.76 -14.25 3.91
CA LEU A 207 -10.83 -13.20 4.91
C LEU A 207 -12.11 -13.35 5.73
N GLN A 208 -13.24 -13.52 5.05
CA GLN A 208 -14.53 -13.59 5.74
C GLN A 208 -14.60 -14.79 6.68
N THR A 209 -14.10 -15.93 6.20
CA THR A 209 -14.10 -17.13 7.02
C THR A 209 -13.15 -16.97 8.20
N TYR A 210 -11.98 -16.37 7.97
CA TYR A 210 -11.04 -16.13 9.06
C TYR A 210 -11.69 -15.27 10.15
N ILE A 211 -12.36 -14.20 9.73
CA ILE A 211 -13.01 -13.31 10.69
C ILE A 211 -14.03 -14.07 11.53
N ARG A 212 -14.81 -14.94 10.90
CA ARG A 212 -15.79 -15.77 11.61
C ARG A 212 -15.10 -16.66 12.65
N CYS A 213 -14.06 -17.39 12.22
CA CYS A 213 -13.45 -18.42 13.06
C CYS A 213 -12.42 -17.94 14.08
N ARG A 214 -11.75 -16.83 13.78
CA ARG A 214 -10.57 -16.46 14.55
C ARG A 214 -10.63 -15.09 15.20
N HIS A 215 -11.65 -14.30 14.88
CA HIS A 215 -11.75 -12.96 15.45
C HIS A 215 -12.93 -12.91 16.41
N PRO A 216 -12.65 -12.88 17.70
CA PRO A 216 -13.70 -12.84 18.72
C PRO A 216 -14.49 -11.53 18.73
N PRO A 217 -15.76 -11.58 19.12
CA PRO A 217 -16.59 -10.38 19.17
C PRO A 217 -16.19 -9.61 20.45
N PRO A 218 -16.48 -8.31 20.51
CA PRO A 218 -17.15 -7.49 19.50
C PRO A 218 -16.21 -7.02 18.40
N GLY A 219 -14.91 -7.23 18.59
CA GLY A 219 -13.92 -6.79 17.62
C GLY A 219 -14.25 -7.25 16.20
N SER A 220 -15.06 -8.29 16.08
CA SER A 220 -15.40 -8.89 14.80
C SER A 220 -16.66 -8.29 14.20
N HIS A 221 -17.33 -7.44 14.98
CA HIS A 221 -18.65 -6.97 14.60
C HIS A 221 -18.58 -6.16 13.32
N GLN A 222 -19.11 -6.71 12.24
CA GLN A 222 -19.17 -6.02 10.98
C GLN A 222 -17.77 -5.80 10.39
N LEU A 223 -16.79 -6.58 10.83
CA LEU A 223 -15.41 -6.27 10.51
C LEU A 223 -15.09 -6.38 9.02
N TYR A 224 -15.64 -7.38 8.34
CA TYR A 224 -15.39 -7.52 6.90
C TYR A 224 -15.93 -6.33 6.13
N ALA A 225 -17.14 -5.90 6.49
CA ALA A 225 -17.77 -4.77 5.83
C ALA A 225 -16.95 -3.52 6.07
N LYS A 226 -16.37 -3.42 7.27
CA LYS A 226 -15.55 -2.26 7.62
C LYS A 226 -14.22 -2.25 6.85
N MET A 227 -13.64 -3.43 6.63
CA MET A 227 -12.37 -3.49 5.93
C MET A 227 -12.57 -3.17 4.45
N ILE A 228 -13.67 -3.67 3.91
CA ILE A 228 -13.98 -3.46 2.50
C ILE A 228 -14.32 -1.99 2.28
N GLN A 229 -14.77 -1.32 3.32
CA GLN A 229 -15.03 0.11 3.25
C GLN A 229 -13.71 0.89 3.20
N LYS A 230 -12.67 0.37 3.83
CA LYS A 230 -11.37 1.02 3.76
C LYS A 230 -10.81 0.94 2.34
N LEU A 231 -11.22 -0.08 1.60
CA LEU A 231 -10.85 -0.16 0.18
C LEU A 231 -11.51 0.95 -0.63
N ALA A 232 -12.72 1.34 -0.25
CA ALA A 232 -13.39 2.46 -0.89
C ALA A 232 -12.70 3.76 -0.51
N ASP A 233 -12.38 3.91 0.77
CA ASP A 233 -11.61 5.06 1.23
C ASP A 233 -10.32 5.18 0.42
N LEU A 234 -9.68 4.05 0.16
CA LEU A 234 -8.41 4.05 -0.56
C LEU A 234 -8.55 4.52 -2.01
N ARG A 235 -9.66 4.20 -2.66
CA ARG A 235 -9.92 4.71 -4.01
C ARG A 235 -9.91 6.22 -4.02
N SER A 236 -10.63 6.78 -3.07
CA SER A 236 -10.72 8.22 -2.92
C SER A 236 -9.34 8.82 -2.67
N LEU A 237 -8.56 8.18 -1.80
CA LEU A 237 -7.21 8.69 -1.52
C LEU A 237 -6.33 8.55 -2.78
N ASN A 238 -6.54 7.48 -3.54
CA ASN A 238 -5.74 7.21 -4.73
C ASN A 238 -5.99 8.31 -5.75
N GLU A 239 -7.28 8.58 -5.97
CA GLU A 239 -7.71 9.61 -6.91
C GLU A 239 -7.07 10.95 -6.59
N GLU A 240 -7.15 11.35 -5.33
CA GLU A 240 -6.58 12.63 -4.93
C GLU A 240 -5.06 12.65 -5.09
N HIS A 241 -4.39 11.57 -4.73
CA HIS A 241 -2.93 11.49 -4.93
C HIS A 241 -2.59 11.59 -6.41
N SER A 242 -3.35 10.89 -7.24
CA SER A 242 -3.18 10.97 -8.69
C SER A 242 -3.28 12.42 -9.18
N LYS A 243 -4.30 13.14 -8.74
CA LYS A 243 -4.44 14.57 -9.07
C LYS A 243 -3.20 15.36 -8.66
N GLN A 244 -2.78 15.21 -7.41
CA GLN A 244 -1.68 16.01 -6.91
C GLN A 244 -0.33 15.58 -7.47
N TYR A 245 -0.22 14.34 -7.90
CA TYR A 245 1.01 13.92 -8.58
C TYR A 245 1.12 14.67 -9.90
N ARG A 246 0.03 14.72 -10.66
CA ARG A 246 0.03 15.40 -11.94
C ARG A 246 0.46 16.86 -11.78
N SER A 247 -0.12 17.53 -10.80
CA SER A 247 0.26 18.91 -10.50
C SER A 247 1.78 19.00 -10.39
N LEU A 248 2.31 18.43 -9.31
CA LEU A 248 3.72 18.55 -8.98
C LEU A 248 4.62 18.09 -10.11
N SER A 249 4.17 17.06 -10.83
CA SER A 249 4.98 16.46 -11.88
C SER A 249 5.17 17.43 -13.03
N PHE A 250 4.29 18.43 -13.11
CA PHE A 250 4.30 19.39 -14.19
C PHE A 250 5.44 20.37 -14.02
N GLN A 251 6.01 20.41 -12.82
CA GLN A 251 7.22 21.18 -12.59
C GLN A 251 8.45 20.25 -12.56
N PRO A 252 9.23 20.23 -13.66
CA PRO A 252 10.41 19.38 -13.75
C PRO A 252 11.31 19.45 -12.52
N GLU A 253 11.35 20.62 -11.90
CA GLU A 253 12.17 20.82 -10.70
C GLU A 253 11.77 19.83 -9.62
N ASN A 254 10.47 19.51 -9.58
CA ASN A 254 9.93 18.55 -8.62
C ASN A 254 10.15 17.12 -9.09
N SER A 255 9.84 16.85 -10.35
CA SER A 255 10.08 15.55 -10.96
C SER A 255 11.54 15.12 -10.81
N MET A 256 12.44 16.09 -10.74
CA MET A 256 13.86 15.81 -10.61
C MET A 256 14.20 15.19 -9.26
N LYS A 257 13.34 15.42 -8.27
CA LYS A 257 13.60 14.95 -6.91
C LYS A 257 13.10 13.52 -6.71
N LEU A 258 12.34 13.01 -7.67
CA LEU A 258 11.76 11.68 -7.53
C LEU A 258 12.75 10.60 -7.93
N THR A 259 12.25 9.39 -8.14
CA THR A 259 13.08 8.31 -8.63
C THR A 259 12.53 7.77 -9.94
N PRO A 260 13.35 7.04 -10.70
CA PRO A 260 12.89 6.50 -11.98
C PRO A 260 11.68 5.56 -11.81
N LEU A 261 11.68 4.76 -10.74
CA LEU A 261 10.56 3.85 -10.48
C LEU A 261 9.28 4.62 -10.18
N VAL A 262 9.38 5.61 -9.30
CA VAL A 262 8.25 6.45 -8.97
C VAL A 262 7.70 7.13 -10.22
N LEU A 263 8.58 7.64 -11.06
CA LEU A 263 8.13 8.27 -12.30
C LEU A 263 7.42 7.28 -13.20
N GLU A 264 7.95 6.07 -13.28
CA GLU A 264 7.37 5.06 -14.16
C GLU A 264 6.02 4.56 -13.65
N VAL A 265 5.89 4.43 -12.33
CA VAL A 265 4.68 3.90 -11.74
C VAL A 265 3.53 4.90 -11.64
N PHE A 266 3.84 6.14 -11.28
CA PHE A 266 2.81 7.14 -11.09
C PHE A 266 2.57 8.02 -12.31
N GLY A 267 3.31 7.75 -13.39
CA GLY A 267 3.05 8.43 -14.64
C GLY A 267 4.29 9.10 -15.19
N ASN A 268 4.53 8.91 -16.49
CA ASN A 268 5.73 9.44 -17.14
C ASN A 268 5.36 10.14 -18.46
N LYS B 1 4.25 4.59 -21.84
CA LYS B 1 3.20 3.60 -22.18
C LYS B 1 3.75 2.20 -21.94
N ASN B 2 5.06 2.15 -21.66
CA ASN B 2 5.71 0.91 -21.30
C ASN B 2 6.25 1.05 -19.87
N HIS B 3 6.54 -0.09 -19.23
CA HIS B 3 7.01 -0.08 -17.85
C HIS B 3 8.12 -1.10 -17.65
N PRO B 4 9.30 -0.80 -18.22
CA PRO B 4 10.48 -1.66 -18.14
C PRO B 4 10.86 -2.08 -16.72
N MET B 5 10.77 -1.13 -15.79
CA MET B 5 11.25 -1.35 -14.43
C MET B 5 10.22 -2.17 -13.66
N LEU B 6 8.96 -1.82 -13.82
CA LEU B 6 7.89 -2.55 -13.19
C LEU B 6 7.86 -3.98 -13.74
N MET B 7 8.20 -4.12 -15.02
CA MET B 7 8.23 -5.44 -15.65
C MET B 7 9.36 -6.28 -15.08
N ASN B 8 10.56 -5.72 -15.06
CA ASN B 8 11.72 -6.45 -14.59
C ASN B 8 11.50 -6.95 -13.16
N LEU B 9 10.89 -6.10 -12.33
CA LEU B 9 10.70 -6.41 -10.90
C LEU B 9 9.62 -7.46 -10.70
N LEU B 10 8.68 -7.52 -11.63
CA LEU B 10 7.60 -8.51 -11.58
C LEU B 10 8.01 -9.87 -12.12
N LYS B 11 8.81 -9.87 -13.19
CA LYS B 11 9.19 -11.12 -13.84
C LYS B 11 9.76 -12.11 -12.83
C31 JC1 C . 6.78 10.92 -2.99
C30 JC1 C . 5.92 11.92 -2.23
C29 JC1 C . 5.33 11.29 -0.99
C28 JC1 C . 3.79 11.38 -1.00
C22 JC1 C . 3.13 10.97 0.33
C23 JC1 C . 2.11 12.07 0.76
C24 JC1 C . 2.72 13.46 1.07
O03 JC1 C . 3.98 13.38 1.74
C20 JC1 C . 2.41 9.55 0.34
C21 JC1 C . 1.11 9.55 -0.50
C17 JC1 C . 2.17 9.00 1.83
C16 JC1 C . 1.39 7.64 1.92
C15 JC1 C . 1.83 6.90 3.20
C14 JC1 C . 2.68 7.97 3.88
C13 JC1 C . 3.43 8.71 2.72
C18 JC1 C . 4.55 7.90 1.94
C12 JC1 C . 4.09 9.99 3.39
C11 JC1 C . 5.08 9.68 4.56
C09 JC1 C . 4.50 8.68 5.59
C08 JC1 C . 3.79 7.49 4.90
C07 JC1 C . 4.10 6.13 5.08
C06 JC1 C . 5.03 5.41 5.86
C05 JC1 C . 5.80 4.26 5.54
C04 JC1 C . 6.72 3.79 6.69
C03 JC1 C . 6.60 2.26 6.92
O02 JC1 C . 5.29 1.97 7.43
C02 JC1 C . 6.80 1.48 5.59
C01 JC1 C . 5.79 1.93 4.49
O01 JC1 C . 6.09 1.28 3.26
C10 JC1 C . 5.83 3.49 4.33
C19 JC1 C . 5.89 4.06 3.05
#